data_1VMD
#
_entry.id   1VMD
#
_cell.length_a   130.243
_cell.length_b   130.243
_cell.length_c   130.243
_cell.angle_alpha   90.00
_cell.angle_beta   90.00
_cell.angle_gamma   90.00
#
_symmetry.space_group_name_H-M   'I 2 3'
#
loop_
_entity.id
_entity.type
_entity.pdbx_description
1 polymer 'Methylglyoxal synthase'
2 non-polymer 'SULFATE ION'
3 non-polymer 'CHLORIDE ION'
4 water water
#
_entity_poly.entity_id   1
_entity_poly.type   'polypeptide(L)'
_entity_poly.pdbx_seq_one_letter_code
;MGSDKIHHHHHHMSDRPRRYKIFMDKKKRIALIAHDRRKRDLLEWVSFNLGTLSKHELYATGTTGALLQEKLGLKVHRLK
SGPLGGDQQIGAMIAEGKIDVLIFFWDPLEPQAHDVDVKALIRIATVYNIPVAITRSTADFLISSPLMNDVYEKIQIDYE
EELERRIRKVVEGEEEET
;
_entity_poly.pdbx_strand_id   A,B
#
loop_
_chem_comp.id
_chem_comp.type
_chem_comp.name
_chem_comp.formula
CL non-polymer 'CHLORIDE ION' 'Cl -1'
SO4 non-polymer 'SULFATE ION' 'O4 S -2'
#
# COMPACT_ATOMS: atom_id res chain seq x y z
N PRO A 17 -12.22 -0.12 -20.85
CA PRO A 17 -10.83 0.03 -21.30
C PRO A 17 -9.98 -1.20 -21.05
N ARG A 18 -8.98 -1.38 -21.90
CA ARG A 18 -8.15 -2.58 -21.95
C ARG A 18 -7.25 -2.73 -20.72
N ARG A 19 -6.95 -3.99 -20.37
CA ARG A 19 -5.97 -4.35 -19.35
C ARG A 19 -4.82 -5.03 -20.09
N TYR A 20 -3.64 -4.41 -20.10
CA TYR A 20 -2.48 -4.98 -20.81
C TYR A 20 -1.49 -5.68 -19.89
N LYS A 21 -0.94 -6.79 -20.36
CA LYS A 21 0.11 -7.52 -19.65
C LYS A 21 1.49 -6.95 -20.06
N ILE A 22 2.22 -6.44 -19.08
CA ILE A 22 3.46 -5.71 -19.31
C ILE A 22 4.55 -6.34 -18.41
N PHE A 23 5.74 -6.61 -18.98
CA PHE A 23 6.88 -7.13 -18.22
C PHE A 23 7.78 -6.03 -17.64
N MET A 24 8.17 -6.24 -16.38
CA MET A 24 8.90 -5.27 -15.56
C MET A 24 10.29 -5.82 -15.24
N ASP A 25 11.28 -4.94 -15.02
CA ASP A 25 12.68 -5.31 -14.95
CA ASP A 25 12.69 -5.37 -14.95
C ASP A 25 13.03 -5.95 -13.60
N LYS A 26 14.10 -6.76 -13.59
CA LYS A 26 14.67 -7.39 -12.39
C LYS A 26 15.21 -6.36 -11.41
N LYS A 27 15.98 -5.38 -11.91
CA LYS A 27 16.55 -4.29 -11.08
C LYS A 27 15.56 -3.13 -10.93
N LYS A 28 15.22 -2.77 -9.70
CA LYS A 28 14.17 -1.81 -9.43
C LYS A 28 14.72 -0.39 -9.16
N ARG A 29 13.87 0.62 -9.37
CA ARG A 29 14.17 2.04 -9.04
CA ARG A 29 14.18 2.03 -9.05
C ARG A 29 13.25 2.45 -7.92
N ILE A 30 13.80 2.53 -6.72
CA ILE A 30 13.03 2.61 -5.50
C ILE A 30 13.09 4.01 -4.90
N ALA A 31 11.93 4.58 -4.65
CA ALA A 31 11.85 5.85 -3.97
C ALA A 31 11.55 5.56 -2.52
N LEU A 32 12.33 6.23 -1.66
CA LEU A 32 12.28 6.10 -0.21
C LEU A 32 11.87 7.46 0.39
N ILE A 33 10.72 7.45 1.06
CA ILE A 33 10.13 8.68 1.64
C ILE A 33 9.68 8.42 3.07
N ALA A 34 9.89 9.41 3.93
CA ALA A 34 9.35 9.35 5.29
C ALA A 34 8.88 10.72 5.87
N HIS A 35 7.69 10.71 6.47
CA HIS A 35 7.22 11.88 7.26
C HIS A 35 8.22 12.04 8.38
N ASP A 36 8.32 13.23 8.98
CA ASP A 36 9.40 13.52 9.94
C ASP A 36 9.51 12.57 11.11
N ARG A 37 8.36 12.19 11.70
CA ARG A 37 8.37 11.32 12.88
C ARG A 37 8.51 9.82 12.50
N ARG A 38 8.57 9.53 11.21
CA ARG A 38 8.93 8.22 10.68
C ARG A 38 10.34 8.13 10.10
N LYS A 39 11.10 9.22 10.08
CA LYS A 39 12.44 9.19 9.47
C LYS A 39 13.42 8.20 10.13
N ARG A 40 13.49 8.19 11.46
CA ARG A 40 14.35 7.23 12.16
C ARG A 40 13.89 5.79 11.91
N ASP A 41 12.57 5.58 11.82
CA ASP A 41 12.03 4.25 11.50
C ASP A 41 12.49 3.76 10.12
N LEU A 42 12.37 4.63 9.12
CA LEU A 42 12.82 4.31 7.76
C LEU A 42 14.32 3.96 7.72
N LEU A 43 15.11 4.74 8.44
CA LEU A 43 16.54 4.52 8.62
C LEU A 43 16.82 3.10 9.14
N GLU A 44 16.07 2.71 10.16
CA GLU A 44 16.28 1.42 10.77
C GLU A 44 15.87 0.32 9.79
N TRP A 45 14.70 0.45 9.17
CA TRP A 45 14.28 -0.51 8.16
C TRP A 45 15.34 -0.66 7.05
N VAL A 46 15.85 0.45 6.54
CA VAL A 46 16.83 0.37 5.47
C VAL A 46 18.07 -0.38 5.97
N SER A 47 18.39 -0.17 7.24
CA SER A 47 19.59 -0.70 7.87
C SER A 47 19.52 -2.20 8.03
N PHE A 48 18.33 -2.78 8.25
CA PHE A 48 18.14 -4.22 8.30
C PHE A 48 18.00 -4.82 6.89
N ASN A 49 17.84 -4.01 5.86
CA ASN A 49 17.58 -4.55 4.51
C ASN A 49 18.60 -4.07 3.46
N LEU A 50 19.73 -3.57 3.96
CA LEU A 50 20.80 -3.07 3.11
C LEU A 50 21.23 -4.01 1.98
N GLY A 51 21.35 -5.30 2.29
CA GLY A 51 21.86 -6.28 1.32
C GLY A 51 20.99 -6.40 0.07
N THR A 52 19.68 -6.43 0.25
CA THR A 52 18.77 -6.52 -0.87
C THR A 52 18.64 -5.16 -1.56
N LEU A 53 18.49 -4.09 -0.78
CA LEU A 53 18.35 -2.76 -1.34
C LEU A 53 19.55 -2.31 -2.14
N SER A 54 20.72 -2.81 -1.82
CA SER A 54 21.90 -2.41 -2.52
C SER A 54 22.01 -3.04 -3.92
N LYS A 55 21.11 -3.96 -4.26
CA LYS A 55 21.01 -4.51 -5.61
C LYS A 55 20.18 -3.66 -6.60
N HIS A 56 19.46 -2.65 -6.08
CA HIS A 56 18.55 -1.84 -6.85
C HIS A 56 19.08 -0.38 -6.80
N GLU A 57 18.50 0.51 -7.59
CA GLU A 57 18.81 1.94 -7.59
C GLU A 57 17.85 2.69 -6.67
N LEU A 58 18.40 3.59 -5.86
CA LEU A 58 17.63 4.21 -4.77
C LEU A 58 17.59 5.74 -4.87
N TYR A 59 16.41 6.28 -4.62
CA TYR A 59 16.14 7.74 -4.59
C TYR A 59 15.45 8.10 -3.30
N ALA A 60 15.60 9.36 -2.90
CA ALA A 60 14.90 9.86 -1.74
C ALA A 60 14.67 11.38 -1.88
N THR A 61 13.63 11.88 -1.23
CA THR A 61 13.48 13.30 -1.00
C THR A 61 14.71 13.84 -0.23
N GLY A 62 14.92 15.14 -0.31
CA GLY A 62 16.17 15.74 0.09
C GLY A 62 16.64 15.39 1.49
N THR A 63 15.79 15.53 2.49
CA THR A 63 16.27 15.45 3.89
C THR A 63 16.44 13.99 4.36
N THR A 64 15.47 13.12 4.03
CA THR A 64 15.59 11.68 4.22
C THR A 64 16.86 11.13 3.53
N GLY A 65 17.04 11.52 2.27
CA GLY A 65 18.29 11.24 1.53
C GLY A 65 19.57 11.59 2.27
N ALA A 66 19.64 12.81 2.82
CA ALA A 66 20.82 13.23 3.56
C ALA A 66 21.02 12.35 4.80
N LEU A 67 19.91 12.05 5.47
CA LEU A 67 19.98 11.23 6.66
C LEU A 67 20.56 9.86 6.35
N LEU A 68 20.07 9.25 5.26
CA LEU A 68 20.54 7.92 4.90
C LEU A 68 22.05 7.94 4.62
N GLN A 69 22.47 8.94 3.87
CA GLN A 69 23.88 9.08 3.49
C GLN A 69 24.70 9.33 4.73
N GLU A 70 24.22 10.21 5.59
CA GLU A 70 24.92 10.59 6.81
C GLU A 70 24.95 9.51 7.89
N LYS A 71 23.90 8.71 8.03
CA LYS A 71 23.86 7.70 9.11
C LYS A 71 24.21 6.27 8.66
N LEU A 72 24.33 6.05 7.36
CA LEU A 72 24.53 4.71 6.82
C LEU A 72 25.61 4.63 5.75
N GLY A 73 26.11 5.78 5.27
CA GLY A 73 27.00 5.81 4.11
C GLY A 73 26.31 5.23 2.88
N LEU A 74 24.99 5.44 2.79
CA LEU A 74 24.21 4.89 1.69
C LEU A 74 24.34 5.78 0.44
N LYS A 75 24.31 5.12 -0.72
CA LYS A 75 24.36 5.77 -2.03
C LYS A 75 22.95 5.94 -2.47
N VAL A 76 22.46 7.19 -2.42
CA VAL A 76 21.11 7.47 -2.91
C VAL A 76 21.05 8.76 -3.68
N HIS A 77 20.22 8.80 -4.73
CA HIS A 77 20.01 10.01 -5.50
C HIS A 77 18.99 10.84 -4.72
N ARG A 78 19.36 12.07 -4.45
CA ARG A 78 18.56 12.95 -3.67
C ARG A 78 17.78 13.90 -4.56
N LEU A 79 16.47 13.91 -4.41
CA LEU A 79 15.60 14.93 -5.01
C LEU A 79 15.47 16.13 -4.07
N LYS A 80 14.66 17.12 -4.44
CA LYS A 80 14.42 18.26 -3.54
C LYS A 80 13.69 17.79 -2.28
N SER A 81 13.67 18.65 -1.27
CA SER A 81 12.89 18.39 -0.07
CA SER A 81 12.91 18.38 -0.06
C SER A 81 11.44 18.16 -0.46
N GLY A 82 10.81 17.13 0.11
CA GLY A 82 9.45 16.73 -0.26
C GLY A 82 8.43 17.86 -0.31
N PRO A 83 8.33 18.67 0.75
CA PRO A 83 7.44 19.82 0.77
C PRO A 83 7.85 20.97 -0.10
N LEU A 84 9.05 20.96 -0.69
CA LEU A 84 9.43 22.03 -1.59
C LEU A 84 9.53 21.58 -3.05
N GLY A 85 8.77 20.55 -3.42
CA GLY A 85 8.71 20.10 -4.83
C GLY A 85 9.19 18.69 -5.07
N GLY A 86 9.81 18.09 -4.07
CA GLY A 86 10.35 16.73 -4.16
C GLY A 86 9.27 15.72 -4.35
N ASP A 87 8.13 15.94 -3.71
CA ASP A 87 6.99 15.08 -3.95
C ASP A 87 6.50 15.08 -5.42
N GLN A 88 6.51 16.23 -6.08
CA GLN A 88 6.07 16.27 -7.48
C GLN A 88 7.14 15.71 -8.44
N GLN A 89 8.41 15.93 -8.11
CA GLN A 89 9.52 15.33 -8.87
C GLN A 89 9.39 13.80 -8.89
N ILE A 90 9.11 13.20 -7.73
CA ILE A 90 8.99 11.74 -7.66
C ILE A 90 7.70 11.22 -8.35
N GLY A 91 6.59 11.93 -8.17
CA GLY A 91 5.37 11.62 -8.94
C GLY A 91 5.53 11.67 -10.46
N ALA A 92 6.23 12.71 -10.94
CA ALA A 92 6.59 12.82 -12.37
C ALA A 92 7.47 11.66 -12.80
N MET A 93 8.45 11.31 -11.96
CA MET A 93 9.32 10.15 -12.23
C MET A 93 8.52 8.84 -12.31
N ILE A 94 7.57 8.63 -11.41
CA ILE A 94 6.66 7.50 -11.53
C ILE A 94 5.95 7.48 -12.91
N ALA A 95 5.38 8.62 -13.30
CA ALA A 95 4.68 8.73 -14.58
C ALA A 95 5.58 8.58 -15.84
N GLU A 96 6.89 8.77 -15.67
CA GLU A 96 7.85 8.59 -16.73
C GLU A 96 8.57 7.25 -16.59
N GLY A 97 8.16 6.39 -15.65
CA GLY A 97 8.84 5.08 -15.47
C GLY A 97 10.21 5.08 -14.77
N LYS A 98 10.62 6.24 -14.26
CA LYS A 98 11.95 6.39 -13.64
C LYS A 98 11.99 5.99 -12.14
N ILE A 99 10.82 5.79 -11.56
CA ILE A 99 10.69 5.14 -10.25
C ILE A 99 9.64 4.02 -10.44
N ASP A 100 9.89 2.81 -9.93
CA ASP A 100 8.92 1.75 -10.04
C ASP A 100 8.64 0.92 -8.78
N VAL A 101 9.09 1.39 -7.62
CA VAL A 101 8.70 0.89 -6.32
C VAL A 101 8.65 2.12 -5.38
N LEU A 102 7.55 2.28 -4.67
CA LEU A 102 7.44 3.38 -3.67
C LEU A 102 7.37 2.86 -2.23
N ILE A 103 8.33 3.29 -1.43
CA ILE A 103 8.32 3.02 0.01
C ILE A 103 8.11 4.35 0.76
N PHE A 104 6.96 4.48 1.39
CA PHE A 104 6.54 5.73 2.05
C PHE A 104 5.98 5.42 3.46
N PHE A 105 6.83 5.62 4.47
CA PHE A 105 6.46 5.53 5.89
C PHE A 105 5.87 6.89 6.30
N TRP A 106 4.65 6.87 6.85
CA TRP A 106 3.92 8.10 7.10
C TRP A 106 3.27 8.13 8.48
N ASP A 107 2.90 9.31 8.91
CA ASP A 107 2.45 9.53 10.25
C ASP A 107 0.93 9.58 10.29
N PRO A 108 0.28 8.48 10.74
CA PRO A 108 -1.17 8.46 10.75
C PRO A 108 -1.82 9.17 11.93
N LEU A 109 -1.05 9.67 12.90
CA LEU A 109 -1.61 10.27 14.12
C LEU A 109 -1.29 11.75 14.36
N GLU A 110 -0.01 12.13 14.24
CA GLU A 110 0.42 13.52 14.57
C GLU A 110 1.23 14.17 13.43
N PRO A 111 0.72 14.18 12.21
CA PRO A 111 1.56 14.66 11.12
C PRO A 111 1.87 16.19 11.21
N GLN A 112 3.09 16.56 10.83
CA GLN A 112 3.46 17.98 10.69
C GLN A 112 2.57 18.66 9.62
N ALA A 113 2.40 19.97 9.76
CA ALA A 113 1.69 20.83 8.81
C ALA A 113 2.23 20.69 7.36
N HIS A 114 3.53 20.48 7.25
CA HIS A 114 4.22 20.43 5.97
C HIS A 114 4.50 19.01 5.46
N ASP A 115 4.13 18.00 6.24
CA ASP A 115 4.47 16.59 5.93
C ASP A 115 3.84 16.26 4.58
N VAL A 116 4.60 15.60 3.72
CA VAL A 116 4.24 15.35 2.31
C VAL A 116 2.89 14.67 2.18
N ASP A 117 2.05 15.16 1.26
CA ASP A 117 0.73 14.57 0.97
C ASP A 117 0.82 13.12 0.43
N VAL A 118 0.25 12.17 1.17
CA VAL A 118 0.30 10.74 0.80
C VAL A 118 -0.59 10.42 -0.43
N LYS A 119 -1.74 11.06 -0.49
CA LYS A 119 -2.78 10.86 -1.55
C LYS A 119 -2.31 10.94 -3.00
N ALA A 120 -1.75 12.08 -3.38
CA ALA A 120 -1.27 12.33 -4.73
C ALA A 120 -0.21 11.34 -5.21
N LEU A 121 0.67 10.98 -4.28
CA LEU A 121 1.70 9.98 -4.56
C LEU A 121 1.13 8.57 -4.72
N ILE A 122 0.31 8.11 -3.78
CA ILE A 122 -0.33 6.81 -3.96
C ILE A 122 -1.24 6.80 -5.20
N ARG A 123 -1.87 7.93 -5.54
CA ARG A 123 -2.71 8.00 -6.72
C ARG A 123 -1.92 7.75 -8.01
N ILE A 124 -0.76 8.42 -8.17
CA ILE A 124 -0.06 8.31 -9.44
C ILE A 124 0.63 6.93 -9.51
N ALA A 125 0.98 6.39 -8.36
CA ALA A 125 1.45 5.01 -8.26
C ALA A 125 0.40 3.97 -8.63
N THR A 126 -0.88 4.30 -8.42
CA THR A 126 -1.98 3.39 -8.76
C THR A 126 -2.31 3.53 -10.26
N VAL A 127 -2.36 4.76 -10.78
CA VAL A 127 -2.44 4.98 -12.23
C VAL A 127 -1.45 4.07 -13.00
N TYR A 128 -0.18 4.04 -12.55
CA TYR A 128 0.89 3.28 -13.22
C TYR A 128 1.09 1.88 -12.63
N ASN A 129 0.23 1.50 -11.70
CA ASN A 129 0.25 0.18 -11.04
C ASN A 129 1.64 -0.32 -10.71
N ILE A 130 2.31 0.38 -9.79
CA ILE A 130 3.60 -0.08 -9.31
C ILE A 130 3.44 -0.59 -7.87
N PRO A 131 4.40 -1.42 -7.40
CA PRO A 131 4.39 -1.82 -5.98
C PRO A 131 4.57 -0.60 -5.04
N VAL A 132 3.70 -0.53 -4.03
CA VAL A 132 3.74 0.54 -3.01
C VAL A 132 3.72 -0.06 -1.60
N ALA A 133 4.71 0.31 -0.76
CA ALA A 133 4.59 0.08 0.68
C ALA A 133 4.23 1.37 1.46
N ILE A 134 3.01 1.43 2.05
CA ILE A 134 2.67 2.58 2.96
C ILE A 134 2.54 2.16 4.44
N THR A 135 2.85 0.90 4.72
CA THR A 135 3.11 0.41 6.07
C THR A 135 4.48 -0.32 6.04
N ARG A 136 5.19 -0.26 7.15
CA ARG A 136 6.48 -0.96 7.30
C ARG A 136 6.34 -2.48 7.13
N SER A 137 5.26 -3.08 7.64
CA SER A 137 5.02 -4.52 7.37
C SER A 137 4.82 -4.82 5.85
N THR A 138 4.16 -3.92 5.13
CA THR A 138 4.04 -4.07 3.68
C THR A 138 5.46 -4.10 3.05
N ALA A 139 6.34 -3.19 3.49
CA ALA A 139 7.73 -3.16 2.96
C ALA A 139 8.50 -4.47 3.19
N ASP A 140 8.21 -5.17 4.29
CA ASP A 140 8.88 -6.42 4.62
C ASP A 140 8.39 -7.52 3.72
N PHE A 141 7.09 -7.51 3.38
CA PHE A 141 6.56 -8.44 2.35
C PHE A 141 7.14 -8.14 0.97
N LEU A 142 7.19 -6.86 0.61
CA LEU A 142 7.73 -6.47 -0.70
C LEU A 142 9.16 -6.97 -0.94
N ILE A 143 10.00 -6.69 0.03
CA ILE A 143 11.44 -6.89 -0.09
C ILE A 143 11.80 -8.37 -0.04
N SER A 144 10.93 -9.19 0.53
CA SER A 144 11.13 -10.61 0.54
C SER A 144 10.40 -11.36 -0.60
N SER A 145 9.60 -10.67 -1.45
CA SER A 145 8.96 -11.36 -2.60
C SER A 145 10.05 -11.73 -3.59
N PRO A 146 9.96 -12.96 -4.18
CA PRO A 146 10.87 -13.33 -5.28
C PRO A 146 10.81 -12.33 -6.44
N LEU A 147 9.65 -11.67 -6.59
CA LEU A 147 9.46 -10.67 -7.67
C LEU A 147 10.36 -9.41 -7.48
N MET A 148 10.80 -9.17 -6.24
CA MET A 148 11.70 -8.05 -5.95
C MET A 148 12.96 -8.14 -6.80
N ASN A 149 13.58 -9.32 -6.86
CA ASN A 149 14.83 -9.50 -7.58
C ASN A 149 14.69 -10.17 -8.95
N ASP A 150 13.47 -10.32 -9.46
CA ASP A 150 13.19 -11.02 -10.74
CA ASP A 150 13.28 -10.96 -10.77
C ASP A 150 12.35 -10.12 -11.66
N VAL A 151 12.27 -10.48 -12.93
CA VAL A 151 11.36 -9.88 -13.87
C VAL A 151 9.98 -10.36 -13.45
N TYR A 152 8.97 -9.52 -13.66
CA TYR A 152 7.65 -9.94 -13.37
C TYR A 152 6.68 -9.23 -14.30
N GLU A 153 5.47 -9.80 -14.34
CA GLU A 153 4.37 -9.36 -15.21
C GLU A 153 3.43 -8.47 -14.45
N LYS A 154 3.01 -7.36 -15.04
CA LYS A 154 2.00 -6.47 -14.40
C LYS A 154 0.87 -6.04 -15.37
N ILE A 155 -0.31 -5.77 -14.80
CA ILE A 155 -1.47 -5.41 -15.58
C ILE A 155 -1.56 -3.91 -15.56
N GLN A 156 -1.53 -3.29 -16.74
CA GLN A 156 -1.69 -1.84 -16.87
C GLN A 156 -3.06 -1.57 -17.51
N ILE A 157 -3.90 -0.84 -16.77
CA ILE A 157 -5.18 -0.43 -17.28
C ILE A 157 -4.95 0.72 -18.32
N ASP A 158 -5.70 0.73 -19.40
CA ASP A 158 -5.58 1.79 -20.44
C ASP A 158 -6.37 3.03 -20.04
N TYR A 159 -5.87 3.71 -19.02
CA TYR A 159 -6.48 4.95 -18.51
C TYR A 159 -6.50 6.09 -19.53
N GLU A 160 -5.55 6.08 -20.44
CA GLU A 160 -5.46 7.09 -21.51
C GLU A 160 -6.65 6.97 -22.47
N GLU A 161 -6.95 5.75 -22.91
CA GLU A 161 -8.16 5.52 -23.72
C GLU A 161 -9.43 6.04 -23.03
N GLU A 162 -9.66 5.62 -21.79
CA GLU A 162 -10.80 6.06 -20.98
C GLU A 162 -10.87 7.61 -20.92
N LEU A 163 -9.73 8.22 -20.56
CA LEU A 163 -9.68 9.68 -20.34
C LEU A 163 -10.08 10.46 -21.61
N GLU A 164 -9.56 10.04 -22.75
CA GLU A 164 -9.75 10.78 -23.98
C GLU A 164 -11.19 10.71 -24.47
N ARG A 165 -11.83 9.56 -24.30
CA ARG A 165 -13.27 9.39 -24.62
C ARG A 165 -14.13 10.38 -23.83
N ARG A 166 -13.84 10.47 -22.53
CA ARG A 166 -14.50 11.42 -21.65
C ARG A 166 -14.25 12.88 -22.01
N ILE A 167 -13.00 13.22 -22.29
CA ILE A 167 -12.65 14.60 -22.58
C ILE A 167 -13.34 15.03 -23.86
N ARG A 168 -13.21 14.23 -24.92
CA ARG A 168 -13.88 14.55 -26.20
C ARG A 168 -15.38 14.77 -26.02
N LYS A 169 -16.04 13.93 -25.24
CA LYS A 169 -17.48 14.08 -24.96
C LYS A 169 -17.86 15.46 -24.38
N VAL A 170 -17.07 15.93 -23.42
CA VAL A 170 -17.30 17.22 -22.80
C VAL A 170 -17.02 18.33 -23.81
N VAL A 171 -15.81 18.35 -24.34
CA VAL A 171 -15.38 19.39 -25.27
C VAL A 171 -16.19 19.42 -26.58
N GLU A 172 -16.76 18.27 -26.97
CA GLU A 172 -17.39 18.05 -28.28
C GLU A 172 -16.33 18.02 -29.38
N PRO B 17 7.68 7.95 21.25
CA PRO B 17 7.06 6.77 21.88
C PRO B 17 7.82 5.49 21.54
N ARG B 18 7.62 4.45 22.35
CA ARG B 18 8.31 3.20 22.14
C ARG B 18 7.76 2.44 20.91
N ARG B 19 8.66 1.76 20.22
CA ARG B 19 8.34 0.83 19.15
C ARG B 19 8.52 -0.57 19.72
N TYR B 20 7.47 -1.40 19.72
CA TYR B 20 7.60 -2.79 20.18
C TYR B 20 7.13 -3.86 19.15
N LYS B 21 7.60 -5.10 19.35
CA LYS B 21 7.47 -6.19 18.36
C LYS B 21 6.30 -7.17 18.62
N ILE B 22 5.53 -7.48 17.60
CA ILE B 22 4.43 -8.44 17.72
C ILE B 22 4.64 -9.50 16.64
N PHE B 23 4.51 -10.77 17.01
CA PHE B 23 4.58 -11.85 16.00
C PHE B 23 3.16 -12.08 15.44
N MET B 24 3.05 -12.13 14.11
CA MET B 24 1.75 -12.33 13.44
C MET B 24 1.59 -13.78 12.96
N ASP B 25 0.34 -14.27 12.85
CA ASP B 25 0.11 -15.71 12.53
C ASP B 25 0.34 -16.08 11.07
N LYS B 26 0.55 -17.39 10.84
CA LYS B 26 0.72 -17.98 9.50
C LYS B 26 -0.52 -17.81 8.66
N LYS B 27 -1.67 -18.09 9.28
CA LYS B 27 -2.98 -17.93 8.62
C LYS B 27 -3.53 -16.54 8.82
N LYS B 28 -3.79 -15.89 7.69
CA LYS B 28 -4.15 -14.49 7.68
C LYS B 28 -5.66 -14.36 7.63
N ARG B 29 -6.12 -13.21 8.12
CA ARG B 29 -7.49 -12.78 7.98
C ARG B 29 -7.51 -11.58 7.00
N ILE B 30 -7.99 -11.84 5.79
CA ILE B 30 -7.79 -10.93 4.65
C ILE B 30 -9.10 -10.28 4.18
N ALA B 31 -9.12 -8.94 4.23
CA ALA B 31 -10.21 -8.08 3.74
C ALA B 31 -9.97 -7.72 2.26
N LEU B 32 -10.97 -8.02 1.45
CA LEU B 32 -10.92 -7.81 0.00
C LEU B 32 -11.94 -6.72 -0.34
N ILE B 33 -11.50 -5.64 -0.97
CA ILE B 33 -12.33 -4.47 -1.32
C ILE B 33 -12.00 -3.97 -2.73
N ALA B 34 -13.00 -3.59 -3.49
CA ALA B 34 -12.80 -3.01 -4.81
C ALA B 34 -13.83 -1.92 -5.10
N HIS B 35 -13.31 -0.80 -5.59
CA HIS B 35 -14.16 0.26 -6.16
C HIS B 35 -14.95 -0.36 -7.35
N ASP B 36 -16.09 0.23 -7.73
CA ASP B 36 -17.01 -0.46 -8.66
C ASP B 36 -16.34 -0.86 -10.01
N ARG B 37 -15.56 0.07 -10.53
CA ARG B 37 -14.86 -0.18 -11.82
C ARG B 37 -13.62 -1.04 -11.65
N ARG B 38 -13.29 -1.41 -10.43
CA ARG B 38 -12.21 -2.37 -10.18
C ARG B 38 -12.70 -3.77 -9.72
N LYS B 39 -14.03 -3.94 -9.53
CA LYS B 39 -14.65 -5.21 -9.10
C LYS B 39 -14.24 -6.43 -9.98
N ARG B 40 -14.33 -6.31 -11.29
CA ARG B 40 -13.92 -7.38 -12.22
CA ARG B 40 -13.91 -7.36 -12.22
C ARG B 40 -12.41 -7.65 -12.15
N ASP B 41 -11.60 -6.60 -12.03
CA ASP B 41 -10.14 -6.80 -11.82
C ASP B 41 -9.83 -7.65 -10.59
N LEU B 42 -10.50 -7.36 -9.46
CA LEU B 42 -10.19 -8.08 -8.22
C LEU B 42 -10.66 -9.57 -8.33
N LEU B 43 -11.82 -9.78 -8.95
CA LEU B 43 -12.33 -11.14 -9.30
C LEU B 43 -11.32 -11.94 -10.13
N GLU B 44 -10.72 -11.30 -11.14
CA GLU B 44 -9.70 -11.97 -11.97
C GLU B 44 -8.45 -12.25 -11.16
N TRP B 45 -8.07 -11.34 -10.27
CA TRP B 45 -6.89 -11.56 -9.40
C TRP B 45 -7.12 -12.70 -8.40
N VAL B 46 -8.26 -12.69 -7.75
CA VAL B 46 -8.58 -13.75 -6.80
C VAL B 46 -8.64 -15.11 -7.52
N SER B 47 -9.31 -15.15 -8.66
CA SER B 47 -9.40 -16.36 -9.48
CA SER B 47 -9.39 -16.34 -9.54
C SER B 47 -8.02 -16.93 -9.89
N PHE B 48 -7.07 -16.06 -10.19
CA PHE B 48 -5.74 -16.52 -10.60
CA PHE B 48 -5.75 -16.49 -10.61
C PHE B 48 -4.90 -16.98 -9.43
N ASN B 49 -5.22 -16.54 -8.22
CA ASN B 49 -4.43 -16.85 -6.99
C ASN B 49 -5.17 -17.70 -5.96
N LEU B 50 -6.07 -18.55 -6.43
CA LEU B 50 -6.95 -19.26 -5.51
C LEU B 50 -6.22 -20.24 -4.58
N GLY B 51 -5.25 -20.97 -5.12
CA GLY B 51 -4.54 -21.99 -4.37
C GLY B 51 -4.01 -21.44 -3.08
N THR B 52 -3.41 -20.27 -3.17
CA THR B 52 -2.89 -19.58 -2.01
C THR B 52 -3.95 -18.92 -1.14
N LEU B 53 -4.93 -18.26 -1.76
CA LEU B 53 -5.95 -17.57 -0.95
C LEU B 53 -6.85 -18.52 -0.19
N SER B 54 -7.00 -19.74 -0.71
CA SER B 54 -7.82 -20.76 -0.07
C SER B 54 -7.23 -21.25 1.28
N LYS B 55 -5.94 -21.02 1.50
CA LYS B 55 -5.29 -21.30 2.80
C LYS B 55 -5.62 -20.30 3.90
N HIS B 56 -6.29 -19.19 3.55
CA HIS B 56 -6.52 -18.08 4.48
C HIS B 56 -8.00 -17.80 4.71
N GLU B 57 -8.33 -16.93 5.66
CA GLU B 57 -9.72 -16.57 5.96
C GLU B 57 -9.99 -15.28 5.23
N LEU B 58 -11.06 -15.27 4.45
CA LEU B 58 -11.40 -14.20 3.54
C LEU B 58 -12.69 -13.44 3.95
N TYR B 59 -12.61 -12.13 3.86
CA TYR B 59 -13.65 -11.19 4.25
C TYR B 59 -13.83 -10.19 3.14
N ALA B 60 -15.05 -9.71 2.97
CA ALA B 60 -15.32 -8.70 1.94
C ALA B 60 -16.54 -7.84 2.25
N THR B 61 -16.53 -6.59 1.75
CA THR B 61 -17.69 -5.73 1.77
C THR B 61 -18.81 -6.40 0.95
N GLY B 62 -20.05 -5.92 1.15
CA GLY B 62 -21.26 -6.63 0.70
C GLY B 62 -21.27 -7.14 -0.73
N THR B 63 -21.03 -6.23 -1.68
CA THR B 63 -21.29 -6.52 -3.10
C THR B 63 -20.09 -7.24 -3.70
N THR B 64 -18.88 -6.78 -3.38
CA THR B 64 -17.67 -7.53 -3.74
C THR B 64 -17.73 -8.99 -3.22
N GLY B 65 -18.17 -9.20 -1.99
CA GLY B 65 -18.28 -10.57 -1.45
C GLY B 65 -19.28 -11.46 -2.19
N ALA B 66 -20.48 -10.95 -2.47
CA ALA B 66 -21.49 -11.73 -3.23
C ALA B 66 -20.97 -12.14 -4.57
N LEU B 67 -20.26 -11.24 -5.22
CA LEU B 67 -19.71 -11.46 -6.56
C LEU B 67 -18.66 -12.58 -6.54
N LEU B 68 -17.84 -12.59 -5.51
CA LEU B 68 -16.87 -13.65 -5.33
C LEU B 68 -17.55 -14.99 -5.04
N GLN B 69 -18.58 -14.99 -4.20
CA GLN B 69 -19.31 -16.23 -3.93
C GLN B 69 -19.95 -16.71 -5.22
N GLU B 70 -20.64 -15.83 -5.92
CA GLU B 70 -21.37 -16.23 -7.12
CA GLU B 70 -21.36 -16.26 -7.11
C GLU B 70 -20.41 -16.78 -8.18
N LYS B 71 -19.42 -15.98 -8.55
CA LYS B 71 -18.54 -16.33 -9.68
C LYS B 71 -17.48 -17.40 -9.39
N LEU B 72 -17.05 -17.53 -8.17
CA LEU B 72 -15.97 -18.46 -7.88
C LEU B 72 -16.33 -19.52 -6.88
N GLY B 73 -17.54 -19.47 -6.33
CA GLY B 73 -17.91 -20.44 -5.28
C GLY B 73 -17.00 -20.30 -4.06
N LEU B 74 -16.49 -19.10 -3.85
CA LEU B 74 -15.57 -18.89 -2.76
C LEU B 74 -16.32 -18.64 -1.43
N LYS B 75 -15.79 -19.26 -0.38
CA LYS B 75 -16.27 -19.10 0.99
C LYS B 75 -15.73 -17.79 1.57
N VAL B 76 -16.47 -16.70 1.43
CA VAL B 76 -16.03 -15.39 1.92
C VAL B 76 -17.05 -14.92 2.95
N HIS B 77 -16.56 -14.37 4.07
CA HIS B 77 -17.44 -13.73 5.05
C HIS B 77 -17.86 -12.35 4.53
N ARG B 78 -19.17 -12.16 4.31
CA ARG B 78 -19.70 -10.95 3.71
C ARG B 78 -20.06 -9.96 4.80
N LEU B 79 -19.59 -8.73 4.64
CA LEU B 79 -19.95 -7.64 5.53
C LEU B 79 -20.99 -6.77 4.84
N LYS B 80 -21.43 -5.69 5.48
CA LYS B 80 -22.27 -4.69 4.83
C LYS B 80 -21.64 -4.08 3.59
N SER B 81 -22.49 -3.56 2.71
CA SER B 81 -22.06 -2.71 1.58
CA SER B 81 -21.99 -2.77 1.58
C SER B 81 -21.07 -1.66 2.11
N GLY B 82 -19.96 -1.47 1.40
CA GLY B 82 -18.93 -0.58 1.85
C GLY B 82 -19.40 0.81 2.19
N PRO B 83 -20.14 1.47 1.26
CA PRO B 83 -20.71 2.81 1.51
C PRO B 83 -21.84 2.93 2.52
N LEU B 84 -22.36 1.82 2.99
CA LEU B 84 -23.37 1.85 3.97
C LEU B 84 -22.87 1.30 5.33
N GLY B 85 -21.57 1.36 5.55
CA GLY B 85 -21.01 1.00 6.86
C GLY B 85 -20.04 -0.17 6.88
N GLY B 86 -19.91 -0.87 5.75
CA GLY B 86 -18.96 -1.99 5.67
C GLY B 86 -17.54 -1.53 5.80
N ASP B 87 -17.26 -0.33 5.30
CA ASP B 87 -15.91 0.23 5.43
C ASP B 87 -15.49 0.42 6.89
N GLN B 88 -16.40 0.94 7.69
CA GLN B 88 -16.18 1.13 9.09
C GLN B 88 -16.17 -0.22 9.87
N GLN B 89 -16.98 -1.18 9.47
CA GLN B 89 -16.90 -2.53 10.06
C GLN B 89 -15.49 -3.08 9.89
N ILE B 90 -14.96 -2.98 8.67
CA ILE B 90 -13.61 -3.45 8.37
C ILE B 90 -12.52 -2.66 9.16
N GLY B 91 -12.69 -1.36 9.26
CA GLY B 91 -11.76 -0.53 10.05
C GLY B 91 -11.76 -0.88 11.53
N ALA B 92 -12.95 -1.03 12.09
CA ALA B 92 -13.10 -1.58 13.44
C ALA B 92 -12.43 -2.95 13.61
N MET B 93 -12.65 -3.86 12.67
CA MET B 93 -12.03 -5.18 12.75
C MET B 93 -10.50 -5.15 12.65
N ILE B 94 -9.94 -4.30 11.80
CA ILE B 94 -8.46 -4.07 11.81
C ILE B 94 -7.97 -3.64 13.22
N ALA B 95 -8.60 -2.64 13.81
CA ALA B 95 -8.19 -2.12 15.11
C ALA B 95 -8.34 -3.15 16.22
N GLU B 96 -9.34 -4.02 16.07
CA GLU B 96 -9.59 -5.12 17.00
C GLU B 96 -8.66 -6.35 16.77
N GLY B 97 -7.80 -6.33 15.76
CA GLY B 97 -6.96 -7.48 15.46
C GLY B 97 -7.66 -8.60 14.72
N LYS B 98 -8.87 -8.36 14.19
CA LYS B 98 -9.66 -9.38 13.46
C LYS B 98 -9.40 -9.48 11.95
N ILE B 99 -8.73 -8.47 11.40
CA ILE B 99 -8.25 -8.44 10.05
C ILE B 99 -6.78 -8.07 10.14
N ASP B 100 -5.92 -8.82 9.46
CA ASP B 100 -4.47 -8.52 9.44
C ASP B 100 -3.78 -8.37 8.05
N VAL B 101 -4.59 -8.31 6.98
CA VAL B 101 -4.14 -7.96 5.59
C VAL B 101 -5.30 -7.26 4.91
N LEU B 102 -5.03 -6.12 4.26
CA LEU B 102 -6.03 -5.40 3.48
C LEU B 102 -5.62 -5.36 1.98
N ILE B 103 -6.49 -5.89 1.13
CA ILE B 103 -6.35 -5.80 -0.33
C ILE B 103 -7.49 -4.94 -0.83
N PHE B 104 -7.14 -3.75 -1.35
CA PHE B 104 -8.10 -2.75 -1.80
C PHE B 104 -7.71 -2.23 -3.20
N PHE B 105 -8.42 -2.69 -4.23
CA PHE B 105 -8.27 -2.15 -5.60
C PHE B 105 -9.21 -0.98 -5.79
N TRP B 106 -8.66 0.19 -6.10
CA TRP B 106 -9.40 1.44 -6.14
C TRP B 106 -9.23 2.16 -7.49
N ASP B 107 -10.09 3.13 -7.73
CA ASP B 107 -10.17 3.84 -9.01
C ASP B 107 -9.47 5.20 -8.85
N PRO B 108 -8.26 5.36 -9.44
CA PRO B 108 -7.56 6.63 -9.26
C PRO B 108 -7.97 7.71 -10.25
N LEU B 109 -8.82 7.38 -11.22
CA LEU B 109 -9.19 8.30 -12.30
C LEU B 109 -10.61 8.84 -12.23
N GLU B 110 -11.59 7.94 -12.09
CA GLU B 110 -13.00 8.28 -12.26
C GLU B 110 -13.85 7.69 -11.12
N PRO B 111 -13.45 7.89 -9.89
CA PRO B 111 -14.28 7.24 -8.86
C PRO B 111 -15.73 7.79 -8.83
N GLN B 112 -16.68 6.88 -8.61
CA GLN B 112 -18.07 7.21 -8.28
C GLN B 112 -18.14 8.03 -6.97
N ALA B 113 -19.23 8.74 -6.82
CA ALA B 113 -19.44 9.58 -5.64
C ALA B 113 -19.48 8.78 -4.32
N HIS B 114 -19.93 7.54 -4.41
CA HIS B 114 -20.13 6.69 -3.26
C HIS B 114 -18.95 5.75 -3.05
N ASP B 115 -17.99 5.79 -3.95
CA ASP B 115 -16.91 4.82 -3.88
C ASP B 115 -16.23 4.95 -2.50
N VAL B 116 -16.03 3.81 -1.85
CA VAL B 116 -15.37 3.73 -0.52
C VAL B 116 -14.10 4.60 -0.36
N ASP B 117 -14.07 5.34 0.76
CA ASP B 117 -12.96 6.24 1.06
C ASP B 117 -11.67 5.43 1.39
N VAL B 118 -10.62 5.66 0.58
CA VAL B 118 -9.34 4.97 0.71
C VAL B 118 -8.55 5.37 1.98
N LYS B 119 -8.56 6.67 2.27
CA LYS B 119 -7.77 7.26 3.37
C LYS B 119 -8.02 6.71 4.75
N ALA B 120 -9.29 6.63 5.17
CA ALA B 120 -9.63 6.18 6.51
C ALA B 120 -9.21 4.74 6.77
N LEU B 121 -9.38 3.86 5.77
CA LEU B 121 -8.92 2.47 5.90
C LEU B 121 -7.39 2.32 5.90
N ILE B 122 -6.68 2.97 4.98
CA ILE B 122 -5.23 2.96 5.05
C ILE B 122 -4.70 3.64 6.33
N ARG B 123 -5.38 4.69 6.81
CA ARG B 123 -4.99 5.29 8.09
C ARG B 123 -4.94 4.23 9.18
N ILE B 124 -6.02 3.45 9.36
CA ILE B 124 -6.16 2.52 10.48
C ILE B 124 -5.28 1.27 10.30
N ALA B 125 -5.11 0.84 9.05
CA ALA B 125 -4.11 -0.19 8.72
C ALA B 125 -2.69 0.23 9.07
N THR B 126 -2.41 1.53 9.00
CA THR B 126 -1.09 2.05 9.29
C THR B 126 -0.90 2.21 10.78
N VAL B 127 -1.94 2.69 11.50
CA VAL B 127 -1.86 2.73 12.98
C VAL B 127 -1.45 1.37 13.55
N TYR B 128 -2.10 0.29 13.06
CA TYR B 128 -1.86 -1.07 13.48
C TYR B 128 -0.85 -1.85 12.61
N ASN B 129 -0.17 -1.15 11.69
CA ASN B 129 0.89 -1.68 10.83
C ASN B 129 0.66 -3.08 10.32
N ILE B 130 -0.34 -3.21 9.44
CA ILE B 130 -0.64 -4.46 8.78
C ILE B 130 -0.29 -4.32 7.30
N PRO B 131 -0.07 -5.44 6.61
CA PRO B 131 0.25 -5.32 5.18
C PRO B 131 -0.96 -4.90 4.35
N VAL B 132 -0.70 -3.99 3.41
CA VAL B 132 -1.70 -3.33 2.62
C VAL B 132 -1.30 -3.32 1.17
N ALA B 133 -2.22 -3.79 0.33
CA ALA B 133 -2.07 -3.67 -1.12
C ALA B 133 -3.13 -2.76 -1.68
N ILE B 134 -2.71 -1.59 -2.11
CA ILE B 134 -3.60 -0.64 -2.82
C ILE B 134 -3.23 -0.51 -4.29
N THR B 135 -2.32 -1.37 -4.78
CA THR B 135 -2.17 -1.62 -6.20
C THR B 135 -2.13 -3.12 -6.44
N ARG B 136 -2.54 -3.52 -7.63
CA ARG B 136 -2.57 -4.94 -8.02
C ARG B 136 -1.17 -5.58 -7.96
N SER B 137 -0.16 -4.84 -8.43
CA SER B 137 1.20 -5.36 -8.37
C SER B 137 1.66 -5.52 -6.91
N THR B 138 1.34 -4.57 -6.03
CA THR B 138 1.63 -4.76 -4.61
C THR B 138 1.02 -6.08 -4.15
N ALA B 139 -0.20 -6.37 -4.56
CA ALA B 139 -0.85 -7.64 -4.19
C ALA B 139 -0.13 -8.92 -4.63
N ASP B 140 0.46 -8.89 -5.84
CA ASP B 140 1.26 -9.99 -6.37
C ASP B 140 2.55 -10.18 -5.56
N PHE B 141 3.15 -9.08 -5.06
CA PHE B 141 4.34 -9.16 -4.17
C PHE B 141 3.96 -9.72 -2.79
N LEU B 142 2.88 -9.22 -2.22
CA LEU B 142 2.36 -9.74 -0.92
C LEU B 142 2.10 -11.26 -0.90
N ILE B 143 1.33 -11.74 -1.88
CA ILE B 143 0.87 -13.09 -1.92
C ILE B 143 2.01 -14.08 -2.26
N SER B 144 3.08 -13.55 -2.87
CA SER B 144 4.26 -14.34 -3.22
C SER B 144 5.35 -14.29 -2.18
N SER B 145 5.26 -13.37 -1.23
CA SER B 145 6.25 -13.30 -0.15
C SER B 145 6.18 -14.56 0.70
N PRO B 146 7.35 -15.07 1.18
CA PRO B 146 7.28 -16.20 2.12
C PRO B 146 6.57 -15.87 3.45
N LEU B 147 6.45 -14.59 3.77
CA LEU B 147 5.74 -14.16 4.97
C LEU B 147 4.20 -14.29 4.86
N MET B 148 3.66 -14.39 3.64
CA MET B 148 2.24 -14.72 3.49
C MET B 148 1.84 -16.02 4.19
N ASN B 149 2.69 -17.04 4.14
CA ASN B 149 2.37 -18.35 4.65
C ASN B 149 3.19 -18.75 5.90
N ASP B 150 3.91 -17.80 6.49
CA ASP B 150 4.65 -18.05 7.71
C ASP B 150 4.26 -17.00 8.74
N VAL B 151 4.70 -17.19 9.97
CA VAL B 151 4.63 -16.12 10.96
C VAL B 151 5.75 -15.11 10.69
N TYR B 152 5.53 -13.86 11.08
CA TYR B 152 6.51 -12.80 10.92
C TYR B 152 6.35 -11.79 12.03
N GLU B 153 7.39 -10.98 12.19
CA GLU B 153 7.47 -9.96 13.22
C GLU B 153 7.04 -8.60 12.68
N LYS B 154 6.15 -7.90 13.37
CA LYS B 154 5.84 -6.51 13.00
C LYS B 154 6.16 -5.53 14.13
N ILE B 155 6.57 -4.31 13.77
CA ILE B 155 6.79 -3.25 14.75
C ILE B 155 5.49 -2.49 14.98
N GLN B 156 5.07 -2.44 16.24
CA GLN B 156 3.89 -1.66 16.67
C GLN B 156 4.33 -0.46 17.47
N ILE B 157 4.15 0.74 16.92
CA ILE B 157 4.46 1.97 17.64
C ILE B 157 3.42 2.14 18.76
N ASP B 158 3.89 2.54 19.94
CA ASP B 158 3.01 2.71 21.11
C ASP B 158 2.20 4.02 21.02
N TYR B 159 1.23 4.03 20.12
CA TYR B 159 0.45 5.23 19.85
C TYR B 159 -0.44 5.59 21.07
N GLU B 160 -0.93 4.57 21.78
CA GLU B 160 -1.78 4.84 22.94
CA GLU B 160 -1.75 4.74 22.98
C GLU B 160 -1.06 5.67 24.00
N GLU B 161 0.21 5.38 24.28
CA GLU B 161 0.95 6.16 25.26
CA GLU B 161 0.99 6.15 25.26
C GLU B 161 1.10 7.61 24.86
N GLU B 162 1.58 7.86 23.64
CA GLU B 162 1.77 9.24 23.18
CA GLU B 162 1.77 9.23 23.16
C GLU B 162 0.44 9.99 23.22
N LEU B 163 -0.58 9.38 22.65
CA LEU B 163 -1.89 10.00 22.53
C LEU B 163 -2.36 10.41 23.91
N GLU B 164 -2.33 9.46 24.84
CA GLU B 164 -2.82 9.66 26.22
C GLU B 164 -2.15 10.87 26.88
N ARG B 165 -0.84 11.02 26.64
CA ARG B 165 -0.08 12.08 27.27
C ARG B 165 -0.43 13.44 26.63
N ARG B 166 -0.57 13.47 25.30
CA ARG B 166 -1.03 14.69 24.61
C ARG B 166 -2.44 15.16 25.03
N ILE B 167 -3.37 14.20 25.11
CA ILE B 167 -4.73 14.50 25.57
C ILE B 167 -4.69 15.10 26.97
N ARG B 168 -3.77 14.62 27.79
CA ARG B 168 -3.64 15.03 29.19
C ARG B 168 -3.23 16.48 29.29
N LYS B 169 -2.13 16.85 28.64
CA LYS B 169 -1.66 18.24 28.59
C LYS B 169 -2.74 19.25 28.14
N VAL B 170 -3.62 18.82 27.22
CA VAL B 170 -4.73 19.66 26.73
C VAL B 170 -5.85 19.80 27.75
N VAL B 171 -6.28 18.68 28.33
CA VAL B 171 -7.36 18.70 29.30
C VAL B 171 -6.86 19.19 30.66
N GLU B 172 -5.76 18.60 31.11
CA GLU B 172 -4.99 19.02 32.29
C GLU B 172 -5.87 19.50 33.44
S SO4 C . 12.02 15.53 3.18
O1 SO4 C . 10.81 15.29 2.43
O2 SO4 C . 11.68 15.84 4.57
O3 SO4 C . 12.76 14.28 3.09
O4 SO4 C . 12.88 16.59 2.74
CL CL D . 4.09 1.64 9.62
S SO4 E . -19.45 -2.93 -2.02
O1 SO4 E . -20.83 -2.90 -1.57
O2 SO4 E . -18.56 -2.16 -1.21
O3 SO4 E . -18.85 -4.27 -2.13
O4 SO4 E . -19.50 -2.37 -3.38
CL CL F . -4.01 -1.37 -9.66
#